data_9GYY
#
_entry.id   9GYY
#
_cell.length_a   83.835
_cell.length_b   83.835
_cell.length_c   133.931
_cell.angle_alpha   90.00
_cell.angle_beta   90.00
_cell.angle_gamma   120.00
#
_symmetry.space_group_name_H-M   'P 32 2 1'
#
loop_
_entity.id
_entity.type
_entity.pdbx_description
1 polymer 'DUF4867 domain-containing protein'
2 non-polymer 'FE (III) ION'
3 non-polymer 'SODIUM ION'
4 non-polymer 'CHLORIDE ION'
5 water water
#
_entity_poly.entity_id   1
_entity_poly.type   'polypeptide(L)'
_entity_poly.pdbx_seq_one_letter_code
;MGSSHHHHHHSSGLVPRGSHMGSFQYMKDLNKHIPFYHIEDSKFKHYGKVINEYDFNELETYMDSLTIPQDQNVYVASVT
EMENTIIKNQLQEAFYGEMSIQIGYCNGPNSTLNGLEYHKSSEINIAITDMVLLLGKVQEVENNVFHSNDVIAFFVPKGT
AVELYSTTLHFAPCKVNNEGFKTIVILPKGTNDPLSTNIQKRTKEDELLFMKNKWLIAHPEREQLINKGAHPGIKGENIK
VYQ
;
_entity_poly.pdbx_strand_id   A,B
#
loop_
_chem_comp.id
_chem_comp.type
_chem_comp.name
_chem_comp.formula
CL non-polymer 'CHLORIDE ION' 'Cl -1'
FE non-polymer 'FE (III) ION' 'Fe 3'
NA non-polymer 'SODIUM ION' 'Na 1'
#
# COMPACT_ATOMS: atom_id res chain seq x y z
N GLY A 22 8.82 -33.79 1.18
CA GLY A 22 8.39 -32.43 1.57
C GLY A 22 7.42 -31.85 0.53
N SER A 23 6.37 -31.19 1.04
CA SER A 23 5.32 -30.68 0.17
C SER A 23 5.88 -29.62 -0.78
N PHE A 24 6.80 -28.77 -0.28
CA PHE A 24 7.30 -27.67 -1.11
C PHE A 24 7.95 -28.22 -2.39
N GLN A 25 8.90 -29.15 -2.22
CA GLN A 25 9.63 -29.63 -3.40
C GLN A 25 8.72 -30.45 -4.31
N TYR A 26 7.76 -31.17 -3.73
CA TYR A 26 6.75 -31.89 -4.50
C TYR A 26 5.96 -30.92 -5.39
N MET A 27 5.49 -29.82 -4.78
CA MET A 27 4.71 -28.85 -5.54
C MET A 27 5.58 -28.16 -6.59
N LYS A 28 6.83 -27.80 -6.24
CA LYS A 28 7.69 -27.13 -7.19
C LYS A 28 7.86 -28.03 -8.43
N ASP A 29 8.11 -29.33 -8.19
CA ASP A 29 8.29 -30.29 -9.27
C ASP A 29 7.05 -30.42 -10.15
N LEU A 30 5.84 -30.30 -9.57
CA LEU A 30 4.63 -30.46 -10.34
C LEU A 30 4.25 -29.16 -11.08
N ASN A 31 4.94 -28.05 -10.78
CA ASN A 31 4.50 -26.78 -11.33
C ASN A 31 5.62 -26.04 -12.06
N LYS A 32 6.28 -26.74 -13.00
CA LYS A 32 7.40 -26.10 -13.66
C LYS A 32 6.96 -25.09 -14.72
N HIS A 33 5.64 -25.00 -14.98
CA HIS A 33 5.12 -24.02 -15.90
C HIS A 33 4.95 -22.65 -15.26
N ILE A 34 5.15 -22.56 -13.93
CA ILE A 34 5.02 -21.26 -13.25
C ILE A 34 6.33 -21.04 -12.50
N PRO A 35 6.84 -19.79 -12.42
CA PRO A 35 7.92 -19.53 -11.47
C PRO A 35 7.45 -19.78 -10.04
N PHE A 36 8.12 -20.61 -9.29
CA PHE A 36 7.58 -21.21 -8.10
C PHE A 36 8.63 -21.10 -7.00
N TYR A 37 8.25 -20.40 -5.92
CA TYR A 37 9.17 -20.11 -4.83
C TYR A 37 8.51 -20.40 -3.49
N HIS A 38 9.34 -20.56 -2.45
CA HIS A 38 8.82 -20.68 -1.09
C HIS A 38 8.49 -19.28 -0.59
N ILE A 39 7.48 -19.15 0.30
CA ILE A 39 7.19 -17.84 0.86
C ILE A 39 8.36 -17.26 1.65
N GLU A 40 9.28 -18.10 2.17
CA GLU A 40 10.44 -17.59 2.90
C GLU A 40 11.55 -17.12 1.94
N ASP A 41 11.35 -17.27 0.64
CA ASP A 41 12.34 -16.86 -0.32
C ASP A 41 12.39 -15.34 -0.33
N SER A 42 13.59 -14.79 -0.47
CA SER A 42 13.76 -13.35 -0.50
C SER A 42 12.96 -12.70 -1.63
N LYS A 43 12.60 -13.44 -2.69
CA LYS A 43 11.82 -12.87 -3.76
C LYS A 43 10.47 -12.38 -3.24
N PHE A 44 9.96 -13.03 -2.19
CA PHE A 44 8.64 -12.60 -1.68
C PHE A 44 8.76 -11.19 -1.08
N LYS A 45 9.96 -10.74 -0.70
CA LYS A 45 10.08 -9.42 -0.10
C LYS A 45 9.68 -8.30 -1.07
N HIS A 46 9.65 -8.52 -2.38
CA HIS A 46 9.13 -7.53 -3.29
CA HIS A 46 9.13 -7.52 -3.29
C HIS A 46 7.62 -7.34 -3.13
N TYR A 47 6.95 -8.40 -2.64
CA TYR A 47 5.47 -8.49 -2.63
C TYR A 47 4.88 -8.33 -1.24
N GLY A 48 5.69 -8.48 -0.20
CA GLY A 48 5.15 -8.44 1.15
C GLY A 48 6.22 -8.82 2.15
N LYS A 49 5.83 -9.18 3.33
CA LYS A 49 6.73 -9.50 4.42
C LYS A 49 6.16 -10.69 5.17
N VAL A 50 7.01 -11.63 5.59
CA VAL A 50 6.61 -12.67 6.53
C VAL A 50 6.54 -12.10 7.94
N ILE A 51 5.44 -12.39 8.63
CA ILE A 51 5.19 -11.85 9.97
C ILE A 51 5.53 -12.91 11.01
N ASN A 52 6.52 -12.63 11.88
CA ASN A 52 6.98 -13.75 12.73
C ASN A 52 6.73 -13.60 14.22
N GLU A 53 6.48 -12.42 14.70
CA GLU A 53 6.53 -12.28 16.16
C GLU A 53 5.16 -12.19 16.82
N TYR A 54 4.07 -12.57 16.14
CA TYR A 54 2.76 -12.56 16.76
C TYR A 54 2.29 -13.99 17.00
N ASP A 55 1.36 -14.13 17.93
CA ASP A 55 0.76 -15.43 18.30
C ASP A 55 -0.71 -15.44 17.88
N PHE A 56 -1.01 -16.30 16.88
CA PHE A 56 -2.35 -16.35 16.30
C PHE A 56 -3.18 -17.51 16.86
N ASN A 57 -2.79 -18.03 18.05
CA ASN A 57 -3.47 -19.19 18.57
C ASN A 57 -4.97 -18.94 18.78
N GLU A 58 -5.41 -17.72 19.14
CA GLU A 58 -6.83 -17.52 19.39
C GLU A 58 -7.60 -17.77 18.08
N LEU A 59 -7.00 -17.34 16.95
CA LEU A 59 -7.67 -17.50 15.68
C LEU A 59 -7.56 -18.91 15.17
N GLU A 60 -6.39 -19.52 15.34
CA GLU A 60 -6.21 -20.92 14.96
C GLU A 60 -7.26 -21.80 15.65
N THR A 61 -7.56 -21.54 16.93
CA THR A 61 -8.55 -22.34 17.64
C THR A 61 -9.90 -22.27 16.90
N TYR A 62 -10.32 -21.06 16.49
CA TYR A 62 -11.59 -20.97 15.76
C TYR A 62 -11.52 -21.70 14.43
N MET A 63 -10.41 -21.55 13.70
CA MET A 63 -10.32 -22.16 12.38
C MET A 63 -10.27 -23.68 12.44
N ASP A 64 -9.72 -24.22 13.54
CA ASP A 64 -9.74 -25.68 13.73
C ASP A 64 -11.15 -26.23 13.84
N SER A 65 -12.13 -25.40 14.19
CA SER A 65 -13.53 -25.82 14.33
C SER A 65 -14.25 -25.92 12.97
N LEU A 66 -13.57 -25.56 11.85
CA LEU A 66 -14.16 -25.60 10.52
C LEU A 66 -13.57 -26.70 9.65
N THR A 67 -14.38 -27.22 8.71
CA THR A 67 -13.96 -28.07 7.62
C THR A 67 -13.87 -27.21 6.35
N ILE A 68 -13.35 -27.81 5.29
CA ILE A 68 -13.13 -27.04 4.07
C ILE A 68 -14.25 -27.31 3.09
N PRO A 69 -14.90 -26.30 2.47
CA PRO A 69 -15.85 -26.59 1.41
C PRO A 69 -15.22 -27.25 0.19
N GLN A 70 -15.98 -28.20 -0.42
CA GLN A 70 -15.47 -29.00 -1.51
C GLN A 70 -15.89 -28.51 -2.89
N ASP A 71 -16.94 -27.68 -2.96
CA ASP A 71 -17.52 -27.27 -4.22
C ASP A 71 -16.99 -25.92 -4.67
N GLN A 72 -16.80 -24.97 -3.73
CA GLN A 72 -16.35 -23.64 -4.12
C GLN A 72 -15.81 -22.98 -2.85
N ASN A 73 -15.03 -21.92 -3.08
CA ASN A 73 -14.42 -21.18 -1.99
C ASN A 73 -15.51 -20.46 -1.20
N VAL A 74 -15.17 -20.21 0.08
CA VAL A 74 -16.01 -19.33 0.89
C VAL A 74 -15.09 -18.22 1.39
N TYR A 75 -15.59 -16.99 1.38
CA TYR A 75 -14.89 -15.88 2.03
C TYR A 75 -15.91 -15.17 2.91
N VAL A 76 -15.57 -15.10 4.21
CA VAL A 76 -16.36 -14.28 5.12
C VAL A 76 -15.45 -13.16 5.62
N ALA A 77 -15.83 -11.90 5.36
CA ALA A 77 -14.94 -10.77 5.60
C ALA A 77 -14.68 -10.43 7.07
N SER A 78 -15.73 -10.58 7.92
CA SER A 78 -15.65 -10.06 9.28
C SER A 78 -16.42 -10.99 10.20
N VAL A 79 -15.69 -11.63 11.09
CA VAL A 79 -16.30 -12.61 12.00
C VAL A 79 -16.12 -12.07 13.42
N THR A 80 -17.25 -11.72 14.06
CA THR A 80 -17.18 -11.05 15.37
C THR A 80 -16.34 -11.82 16.38
N GLU A 81 -16.52 -13.16 16.47
CA GLU A 81 -15.76 -13.94 17.43
C GLU A 81 -14.25 -13.80 17.23
N MET A 82 -13.82 -13.75 15.97
CA MET A 82 -12.38 -13.68 15.69
C MET A 82 -11.86 -12.27 15.97
N GLU A 83 -12.73 -11.24 15.86
CA GLU A 83 -12.35 -9.87 16.15
C GLU A 83 -12.33 -9.58 17.66
N ASN A 84 -13.04 -10.36 18.46
CA ASN A 84 -13.09 -10.17 19.92
C ASN A 84 -11.97 -11.01 20.54
N THR A 85 -10.74 -10.65 20.21
CA THR A 85 -9.53 -11.38 20.58
C THR A 85 -8.43 -10.39 20.93
N ILE A 86 -7.45 -10.91 21.71
CA ILE A 86 -6.30 -10.08 22.03
C ILE A 86 -5.53 -9.79 20.75
N ILE A 87 -5.37 -10.81 19.90
CA ILE A 87 -4.56 -10.63 18.69
C ILE A 87 -5.18 -9.53 17.82
N LYS A 88 -6.50 -9.47 17.73
CA LYS A 88 -7.10 -8.41 16.92
C LYS A 88 -6.66 -7.04 17.40
N ASN A 89 -6.71 -6.81 18.72
CA ASN A 89 -6.31 -5.53 19.28
C ASN A 89 -4.83 -5.27 19.02
N GLN A 90 -3.97 -6.29 19.18
CA GLN A 90 -2.55 -6.14 18.95
C GLN A 90 -2.25 -5.74 17.51
N LEU A 91 -2.90 -6.43 16.57
CA LEU A 91 -2.63 -6.12 15.16
C LEU A 91 -3.23 -4.76 14.78
N GLN A 92 -4.41 -4.37 15.33
CA GLN A 92 -4.97 -3.07 15.02
C GLN A 92 -4.04 -1.94 15.48
N GLU A 93 -3.57 -2.05 16.72
CA GLU A 93 -2.86 -0.91 17.29
C GLU A 93 -1.44 -0.86 16.78
N ALA A 94 -0.81 -2.01 16.47
CA ALA A 94 0.58 -1.96 16.03
C ALA A 94 0.70 -2.19 14.54
N PHE A 95 0.37 -3.37 14.03
CA PHE A 95 0.63 -3.64 12.61
C PHE A 95 -0.08 -2.63 11.70
N TYR A 96 -1.32 -2.25 12.06
CA TYR A 96 -2.08 -1.32 11.26
C TYR A 96 -2.06 0.09 11.84
N GLY A 97 -1.21 0.33 12.85
CA GLY A 97 -0.99 1.72 13.28
C GLY A 97 -2.26 2.43 13.70
N GLU A 98 -3.17 1.70 14.36
CA GLU A 98 -4.40 2.22 14.95
C GLU A 98 -5.57 2.34 13.98
N MET A 99 -5.45 1.82 12.77
CA MET A 99 -6.57 1.92 11.86
C MET A 99 -7.43 0.68 12.03
N SER A 100 -8.76 0.89 11.99
CA SER A 100 -9.74 -0.16 12.26
CA SER A 100 -9.72 -0.16 12.27
C SER A 100 -9.62 -1.34 11.30
N ILE A 101 -9.64 -2.56 11.86
CA ILE A 101 -9.56 -3.76 11.03
C ILE A 101 -10.73 -4.72 11.20
N GLN A 102 -10.81 -5.64 10.23
CA GLN A 102 -11.70 -6.79 10.28
C GLN A 102 -10.88 -8.07 10.15
N ILE A 103 -11.41 -9.18 10.70
CA ILE A 103 -10.75 -10.47 10.61
C ILE A 103 -11.78 -11.49 10.12
N GLY A 104 -11.46 -12.14 9.01
CA GLY A 104 -12.33 -13.15 8.43
C GLY A 104 -11.48 -14.31 7.91
N TYR A 105 -12.05 -15.04 6.95
CA TYR A 105 -11.36 -16.23 6.44
C TYR A 105 -11.75 -16.51 5.01
N CYS A 106 -10.84 -17.21 4.30
CA CYS A 106 -11.10 -17.68 2.95
C CYS A 106 -10.63 -19.14 2.92
N ASN A 107 -11.60 -20.06 2.69
CA ASN A 107 -11.28 -21.49 2.69
C ASN A 107 -11.89 -22.11 1.46
N GLY A 108 -11.25 -23.18 0.93
CA GLY A 108 -11.90 -23.78 -0.22
C GLY A 108 -11.01 -24.76 -0.98
N PRO A 109 -11.55 -25.23 -2.12
CA PRO A 109 -10.90 -26.24 -2.95
C PRO A 109 -10.18 -25.70 -4.18
N ASN A 110 -10.07 -24.38 -4.33
CA ASN A 110 -9.62 -23.82 -5.60
C ASN A 110 -8.16 -24.21 -5.90
N SER A 111 -7.91 -24.37 -7.21
CA SER A 111 -6.59 -24.58 -7.75
C SER A 111 -6.23 -23.64 -8.90
N THR A 112 -7.09 -22.66 -9.25
CA THR A 112 -6.73 -21.81 -10.40
C THR A 112 -6.63 -20.32 -10.05
N LEU A 113 -6.00 -19.58 -10.98
CA LEU A 113 -5.72 -18.15 -10.77
C LEU A 113 -7.01 -17.38 -10.55
N ASN A 114 -7.91 -17.43 -11.57
CA ASN A 114 -9.27 -16.88 -11.57
C ASN A 114 -9.33 -15.36 -11.65
N GLY A 115 -8.47 -14.68 -10.89
CA GLY A 115 -8.55 -13.22 -10.86
C GLY A 115 -7.34 -12.72 -10.08
N LEU A 116 -7.12 -11.40 -10.20
CA LEU A 116 -6.07 -10.75 -9.42
C LEU A 116 -6.61 -9.43 -8.94
N GLU A 117 -6.55 -9.22 -7.61
CA GLU A 117 -7.13 -8.03 -7.00
C GLU A 117 -6.04 -7.26 -6.24
N TYR A 118 -6.34 -5.98 -5.99
CA TYR A 118 -5.54 -5.25 -5.01
C TYR A 118 -6.44 -4.38 -4.16
N HIS A 119 -5.87 -3.98 -3.01
CA HIS A 119 -6.47 -3.01 -2.11
C HIS A 119 -5.49 -1.87 -1.96
N LYS A 120 -5.95 -0.69 -1.55
CA LYS A 120 -5.01 0.40 -1.29
C LYS A 120 -4.68 0.39 0.21
N SER A 121 -4.30 -0.81 0.66
CA SER A 121 -4.06 -1.12 2.07
C SER A 121 -3.26 -2.41 2.10
N SER A 122 -2.73 -2.73 3.28
CA SER A 122 -2.06 -4.02 3.49
C SER A 122 -3.09 -5.07 3.89
N GLU A 123 -2.89 -6.30 3.44
CA GLU A 123 -3.68 -7.47 3.81
C GLU A 123 -2.78 -8.44 4.58
N ILE A 124 -3.31 -9.10 5.63
CA ILE A 124 -2.60 -10.21 6.24
C ILE A 124 -3.33 -11.48 5.85
N ASN A 125 -2.55 -12.45 5.41
CA ASN A 125 -3.07 -13.83 5.27
C ASN A 125 -2.31 -14.73 6.22
N ILE A 126 -3.04 -15.52 7.03
CA ILE A 126 -2.41 -16.55 7.86
C ILE A 126 -2.85 -17.92 7.34
N ALA A 127 -1.87 -18.71 6.91
CA ALA A 127 -2.17 -20.03 6.39
C ALA A 127 -2.49 -20.99 7.54
N ILE A 128 -3.71 -21.49 7.56
CA ILE A 128 -4.11 -22.50 8.55
C ILE A 128 -3.81 -23.90 8.03
N THR A 129 -3.68 -24.04 6.71
CA THR A 129 -3.14 -25.22 6.04
C THR A 129 -2.03 -24.77 5.10
N ASP A 130 -1.23 -25.67 4.58
CA ASP A 130 -0.36 -25.30 3.48
C ASP A 130 -1.23 -24.76 2.35
N MET A 131 -0.69 -23.81 1.57
CA MET A 131 -1.43 -23.27 0.44
CA MET A 131 -1.42 -23.29 0.43
C MET A 131 -0.43 -22.58 -0.49
N VAL A 132 -0.90 -22.23 -1.70
CA VAL A 132 -0.09 -21.48 -2.66
C VAL A 132 -0.80 -20.17 -2.97
N LEU A 133 -0.04 -19.07 -3.03
CA LEU A 133 -0.52 -17.76 -3.48
C LEU A 133 0.04 -17.46 -4.87
N LEU A 134 -0.83 -17.14 -5.81
CA LEU A 134 -0.43 -16.64 -7.12
C LEU A 134 -0.46 -15.11 -7.07
N LEU A 135 0.71 -14.48 -7.25
CA LEU A 135 0.87 -13.04 -7.05
C LEU A 135 1.38 -12.34 -8.30
N GLY A 136 1.04 -11.05 -8.37
CA GLY A 136 1.57 -10.13 -9.39
C GLY A 136 1.84 -8.77 -8.76
N LYS A 137 2.35 -7.83 -9.55
CA LYS A 137 2.58 -6.45 -9.09
C LYS A 137 1.63 -5.52 -9.81
N VAL A 138 1.02 -4.57 -9.06
CA VAL A 138 0.12 -3.61 -9.66
CA VAL A 138 0.11 -3.62 -9.68
C VAL A 138 0.81 -2.82 -10.78
N GLN A 139 2.11 -2.58 -10.64
CA GLN A 139 2.80 -1.79 -11.66
C GLN A 139 2.91 -2.56 -12.97
N GLU A 140 2.67 -3.89 -12.98
CA GLU A 140 2.73 -4.68 -14.22
C GLU A 140 1.41 -4.65 -14.98
N VAL A 141 0.40 -3.96 -14.46
CA VAL A 141 -0.86 -3.79 -15.21
C VAL A 141 -0.63 -2.73 -16.31
N GLU A 142 -1.06 -3.02 -17.55
CA GLU A 142 -0.94 -2.07 -18.68
C GLU A 142 -2.30 -1.96 -19.38
N ASN A 143 -2.89 -0.75 -19.30
CA ASN A 143 -4.20 -0.53 -19.91
C ASN A 143 -5.21 -1.56 -19.44
N ASN A 144 -5.16 -1.81 -18.12
CA ASN A 144 -6.13 -2.73 -17.49
C ASN A 144 -5.98 -4.19 -17.89
N VAL A 145 -4.79 -4.54 -18.39
CA VAL A 145 -4.46 -5.92 -18.72
C VAL A 145 -3.30 -6.37 -17.84
N PHE A 146 -3.41 -7.59 -17.35
CA PHE A 146 -2.32 -8.25 -16.64
C PHE A 146 -2.06 -9.58 -17.36
N HIS A 147 -0.78 -9.89 -17.57
CA HIS A 147 -0.42 -11.08 -18.30
C HIS A 147 -0.18 -12.23 -17.33
N SER A 148 -0.77 -13.39 -17.63
CA SER A 148 -0.55 -14.59 -16.82
C SER A 148 0.94 -14.92 -16.69
N ASN A 149 1.73 -14.59 -17.75
CA ASN A 149 3.13 -14.95 -17.69
C ASN A 149 3.94 -14.05 -16.75
N ASP A 150 3.28 -13.09 -16.06
CA ASP A 150 3.94 -12.29 -15.06
C ASP A 150 3.61 -12.80 -13.64
N VAL A 151 2.73 -13.79 -13.54
CA VAL A 151 2.35 -14.33 -12.23
C VAL A 151 3.52 -15.10 -11.65
N ILE A 152 3.71 -15.02 -10.33
CA ILE A 152 4.68 -15.85 -9.62
C ILE A 152 3.93 -16.60 -8.52
N ALA A 153 4.30 -17.86 -8.25
CA ALA A 153 3.68 -18.62 -7.19
C ALA A 153 4.56 -18.70 -5.96
N PHE A 154 3.94 -18.62 -4.79
CA PHE A 154 4.62 -18.77 -3.51
C PHE A 154 3.94 -19.84 -2.67
N PHE A 155 4.72 -20.82 -2.22
CA PHE A 155 4.22 -21.86 -1.35
C PHE A 155 4.30 -21.40 0.10
N VAL A 156 3.16 -21.42 0.78
CA VAL A 156 3.03 -20.93 2.14
C VAL A 156 2.74 -22.11 3.08
N PRO A 157 3.66 -22.51 3.97
CA PRO A 157 3.37 -23.60 4.90
C PRO A 157 2.34 -23.22 5.95
N LYS A 158 1.57 -24.24 6.40
CA LYS A 158 0.72 -24.07 7.55
C LYS A 158 1.44 -23.33 8.67
N GLY A 159 0.77 -22.31 9.21
CA GLY A 159 1.25 -21.55 10.34
C GLY A 159 1.90 -20.22 9.97
N THR A 160 2.26 -20.05 8.69
CA THR A 160 2.95 -18.82 8.28
C THR A 160 1.93 -17.70 8.08
N ALA A 161 2.29 -16.51 8.57
CA ALA A 161 1.50 -15.30 8.34
C ALA A 161 2.31 -14.38 7.47
N VAL A 162 1.61 -13.75 6.50
CA VAL A 162 2.25 -12.78 5.63
C VAL A 162 1.47 -11.48 5.50
N GLU A 163 2.21 -10.37 5.31
CA GLU A 163 1.63 -9.12 4.84
C GLU A 163 1.73 -9.13 3.32
N LEU A 164 0.62 -8.81 2.65
CA LEU A 164 0.63 -8.55 1.22
C LEU A 164 0.53 -7.06 1.06
N TYR A 165 1.49 -6.44 0.39
CA TYR A 165 1.45 -4.98 0.20
C TYR A 165 0.31 -4.59 -0.72
N SER A 166 -0.04 -3.28 -0.67
CA SER A 166 -1.09 -2.74 -1.52
C SER A 166 -0.76 -2.85 -3.01
N THR A 167 0.54 -2.99 -3.36
CA THR A 167 0.96 -3.08 -4.75
C THR A 167 1.03 -4.54 -5.19
N THR A 168 0.56 -5.45 -4.34
CA THR A 168 0.61 -6.88 -4.68
C THR A 168 -0.78 -7.34 -5.16
N LEU A 169 -0.81 -7.75 -6.43
CA LEU A 169 -2.03 -8.41 -6.95
C LEU A 169 -2.10 -9.83 -6.39
N HIS A 170 -3.29 -10.24 -5.95
CA HIS A 170 -3.46 -11.52 -5.28
C HIS A 170 -4.92 -11.92 -5.39
N PHE A 171 -5.27 -13.13 -4.92
CA PHE A 171 -6.68 -13.52 -4.91
C PHE A 171 -6.83 -14.66 -3.92
N ALA A 172 -7.80 -15.54 -4.16
CA ALA A 172 -7.91 -16.66 -3.24
C ALA A 172 -6.72 -17.62 -3.44
N PRO A 173 -6.32 -18.29 -2.37
CA PRO A 173 -5.25 -19.30 -2.50
C PRO A 173 -5.62 -20.44 -3.43
N CYS A 174 -4.56 -21.19 -3.75
CA CYS A 174 -4.70 -22.48 -4.41
C CYS A 174 -4.27 -23.56 -3.45
N LYS A 175 -4.94 -24.73 -3.54
CA LYS A 175 -4.70 -25.76 -2.57
C LYS A 175 -3.40 -26.55 -2.82
N VAL A 176 -2.89 -27.09 -1.70
CA VAL A 176 -1.72 -27.98 -1.69
C VAL A 176 -2.24 -29.38 -1.38
N ASN A 177 -2.98 -29.52 -0.27
CA ASN A 177 -3.55 -30.84 0.07
C ASN A 177 -4.84 -31.09 -0.71
N ASN A 178 -5.17 -32.37 -0.97
CA ASN A 178 -6.39 -32.68 -1.71
C ASN A 178 -7.66 -32.08 -1.07
N GLU A 179 -7.64 -31.95 0.26
CA GLU A 179 -8.80 -31.51 1.04
C GLU A 179 -9.07 -30.01 0.83
N GLY A 180 -8.11 -29.25 0.27
CA GLY A 180 -8.33 -27.82 0.09
C GLY A 180 -7.45 -27.03 1.07
N PHE A 181 -7.79 -25.73 1.21
CA PHE A 181 -7.02 -24.89 2.15
C PHE A 181 -7.92 -24.12 3.10
N LYS A 182 -7.27 -23.56 4.15
CA LYS A 182 -7.93 -22.60 5.04
C LYS A 182 -6.97 -21.44 5.27
N THR A 183 -7.48 -20.18 5.24
CA THR A 183 -6.65 -19.01 5.50
CA THR A 183 -6.66 -19.02 5.51
C THR A 183 -7.47 -17.99 6.30
N ILE A 184 -6.79 -17.27 7.17
CA ILE A 184 -7.34 -16.10 7.84
C ILE A 184 -6.97 -14.88 6.98
N VAL A 185 -7.95 -13.97 6.84
CA VAL A 185 -7.78 -12.77 6.02
C VAL A 185 -8.08 -11.53 6.85
N ILE A 186 -7.09 -10.66 7.02
CA ILE A 186 -7.21 -9.46 7.85
C ILE A 186 -6.98 -8.24 6.98
N LEU A 187 -7.91 -7.27 7.08
CA LEU A 187 -7.91 -6.10 6.23
C LEU A 187 -8.46 -4.90 6.99
N PRO A 188 -8.26 -3.65 6.51
CA PRO A 188 -9.01 -2.52 7.03
C PRO A 188 -10.49 -2.80 6.99
N LYS A 189 -11.16 -2.37 8.07
CA LYS A 189 -12.59 -2.61 8.19
C LYS A 189 -13.40 -2.01 7.04
N GLY A 190 -14.26 -2.86 6.46
CA GLY A 190 -15.10 -2.45 5.33
C GLY A 190 -14.55 -2.97 3.97
N THR A 191 -13.28 -3.39 3.94
CA THR A 191 -12.74 -3.84 2.64
C THR A 191 -13.56 -5.03 2.20
N ASN A 192 -13.89 -5.02 0.90
CA ASN A 192 -14.65 -6.10 0.24
C ASN A 192 -16.15 -6.01 0.49
N ASP A 193 -16.63 -4.99 1.21
CA ASP A 193 -18.09 -4.78 1.30
C ASP A 193 -18.63 -4.38 -0.06
N PRO A 194 -19.94 -4.56 -0.34
CA PRO A 194 -20.50 -4.05 -1.59
C PRO A 194 -20.37 -2.53 -1.70
N LEU A 195 -20.16 -2.09 -2.95
CA LEU A 195 -20.09 -0.66 -3.22
C LEU A 195 -21.47 -0.05 -2.95
N SER A 196 -21.46 1.11 -2.34
CA SER A 196 -22.73 1.79 -2.06
C SER A 196 -23.06 2.87 -3.09
N THR A 197 -22.11 3.23 -3.98
CA THR A 197 -22.23 4.29 -4.98
C THR A 197 -21.92 3.71 -6.35
N ASN A 198 -22.51 4.29 -7.40
CA ASN A 198 -22.16 3.97 -8.79
C ASN A 198 -21.36 5.14 -9.38
N ILE A 199 -20.04 5.05 -9.34
CA ILE A 199 -19.19 6.18 -9.74
C ILE A 199 -19.29 6.44 -11.25
N GLN A 200 -19.08 7.72 -11.62
CA GLN A 200 -18.71 8.06 -12.99
C GLN A 200 -17.31 7.52 -13.26
N LYS A 201 -17.13 6.71 -14.32
CA LYS A 201 -15.81 6.17 -14.60
C LYS A 201 -14.96 7.23 -15.29
N ARG A 202 -13.77 7.50 -14.77
CA ARG A 202 -12.86 8.48 -15.35
C ARG A 202 -11.46 7.93 -15.60
N THR A 203 -10.97 7.10 -14.66
CA THR A 203 -9.61 6.62 -14.76
C THR A 203 -9.66 5.16 -15.23
N LYS A 204 -8.50 4.68 -15.64
CA LYS A 204 -8.44 3.26 -15.97
C LYS A 204 -8.84 2.44 -14.74
N GLU A 205 -8.30 2.83 -13.58
CA GLU A 205 -8.55 2.06 -12.37
C GLU A 205 -10.02 2.01 -11.97
N ASP A 206 -10.80 3.05 -12.33
CA ASP A 206 -12.22 3.04 -12.06
C ASP A 206 -12.92 1.84 -12.73
N GLU A 207 -12.38 1.40 -13.89
CA GLU A 207 -12.98 0.24 -14.55
C GLU A 207 -12.81 -1.03 -13.69
N LEU A 208 -11.74 -1.05 -12.83
CA LEU A 208 -11.40 -2.22 -12.02
C LEU A 208 -12.11 -2.22 -10.65
N LEU A 209 -12.61 -1.04 -10.19
CA LEU A 209 -13.18 -1.01 -8.84
C LEU A 209 -14.36 -1.98 -8.75
N PHE A 210 -14.35 -2.87 -7.76
CA PHE A 210 -15.26 -4.01 -7.76
C PHE A 210 -16.04 -4.12 -6.44
N MET A 211 -15.34 -3.93 -5.30
CA MET A 211 -15.98 -3.88 -3.99
CA MET A 211 -15.98 -3.87 -3.99
C MET A 211 -15.26 -2.77 -3.23
N LYS A 212 -15.74 -2.47 -2.01
CA LYS A 212 -15.08 -1.39 -1.25
C LYS A 212 -13.60 -1.71 -1.09
N ASN A 213 -12.73 -0.74 -1.43
CA ASN A 213 -11.29 -0.92 -1.31
C ASN A 213 -10.82 -2.18 -2.02
N LYS A 214 -11.43 -2.53 -3.17
CA LYS A 214 -10.96 -3.73 -3.88
C LYS A 214 -11.11 -3.53 -5.39
N TRP A 215 -9.98 -3.56 -6.07
CA TRP A 215 -9.94 -3.43 -7.53
C TRP A 215 -9.58 -4.80 -8.08
N LEU A 216 -10.34 -5.28 -9.10
CA LEU A 216 -10.16 -6.64 -9.56
C LEU A 216 -9.97 -6.71 -11.09
N ILE A 217 -9.01 -7.56 -11.50
CA ILE A 217 -8.81 -7.94 -12.91
C ILE A 217 -9.12 -9.43 -12.94
N ALA A 218 -10.23 -9.78 -13.63
CA ALA A 218 -10.69 -11.16 -13.66
C ALA A 218 -10.18 -11.89 -14.90
N HIS A 219 -10.03 -13.19 -14.74
CA HIS A 219 -9.76 -13.97 -15.95
C HIS A 219 -11.06 -14.01 -16.76
N PRO A 220 -10.96 -13.79 -18.11
CA PRO A 220 -12.15 -13.75 -18.93
C PRO A 220 -12.97 -15.03 -18.96
N GLU A 221 -12.39 -16.18 -18.59
CA GLU A 221 -13.13 -17.43 -18.53
C GLU A 221 -14.01 -17.61 -17.29
N ARG A 222 -13.88 -16.75 -16.26
CA ARG A 222 -14.56 -16.93 -14.97
C ARG A 222 -15.88 -16.16 -14.93
N GLU A 223 -16.94 -16.82 -15.40
CA GLU A 223 -18.26 -16.18 -15.47
C GLU A 223 -18.77 -15.81 -14.09
N GLN A 224 -18.39 -16.57 -13.07
CA GLN A 224 -18.81 -16.26 -11.72
C GLN A 224 -18.40 -14.83 -11.35
N LEU A 225 -17.22 -14.40 -11.84
CA LEU A 225 -16.74 -13.06 -11.51
C LEU A 225 -17.32 -12.04 -12.47
N ILE A 226 -17.27 -12.35 -13.79
CA ILE A 226 -17.71 -11.36 -14.77
C ILE A 226 -19.19 -11.03 -14.56
N ASN A 227 -19.99 -12.05 -14.16
CA ASN A 227 -21.42 -11.84 -13.92
C ASN A 227 -21.64 -10.87 -12.75
N LYS A 228 -20.69 -10.74 -11.82
CA LYS A 228 -20.84 -9.86 -10.66
C LYS A 228 -20.30 -8.45 -10.98
N GLY A 229 -19.89 -8.21 -12.24
CA GLY A 229 -19.41 -6.88 -12.61
C GLY A 229 -17.88 -6.76 -12.70
N ALA A 230 -17.16 -7.88 -12.67
CA ALA A 230 -15.71 -7.80 -12.73
C ALA A 230 -15.23 -7.49 -14.16
N HIS A 231 -14.10 -6.80 -14.23
CA HIS A 231 -13.47 -6.45 -15.49
C HIS A 231 -12.63 -7.61 -15.99
N PRO A 232 -12.88 -8.16 -17.19
CA PRO A 232 -12.03 -9.20 -17.74
C PRO A 232 -10.75 -8.58 -18.24
N GLY A 233 -9.62 -8.93 -17.64
CA GLY A 233 -8.37 -8.31 -18.04
C GLY A 233 -7.13 -9.21 -17.95
N ILE A 234 -7.28 -10.49 -17.56
CA ILE A 234 -6.08 -11.31 -17.51
C ILE A 234 -5.86 -11.90 -18.92
N LYS A 235 -4.68 -11.61 -19.48
CA LYS A 235 -4.35 -12.17 -20.80
C LYS A 235 -3.42 -13.35 -20.61
N GLY A 236 -3.89 -14.50 -21.11
CA GLY A 236 -3.15 -15.74 -20.98
C GLY A 236 -4.00 -16.80 -20.29
N GLU A 237 -3.35 -17.93 -19.94
CA GLU A 237 -4.08 -19.07 -19.40
C GLU A 237 -4.55 -18.72 -17.98
N ASN A 238 -5.66 -19.37 -17.61
CA ASN A 238 -6.12 -19.31 -16.23
C ASN A 238 -5.30 -20.34 -15.47
N ILE A 239 -4.11 -19.88 -15.01
CA ILE A 239 -3.06 -20.76 -14.48
C ILE A 239 -3.64 -21.77 -13.48
N LYS A 240 -3.29 -23.05 -13.63
CA LYS A 240 -3.62 -24.07 -12.66
C LYS A 240 -2.41 -24.48 -11.83
N VAL A 241 -2.59 -24.57 -10.49
CA VAL A 241 -1.55 -25.10 -9.62
C VAL A 241 -1.88 -26.58 -9.40
N TYR A 242 -1.00 -27.47 -9.94
CA TYR A 242 -1.21 -28.89 -9.79
C TYR A 242 -0.70 -29.38 -8.42
N GLN A 243 -1.32 -30.45 -7.90
CA GLN A 243 -0.96 -30.97 -6.59
C GLN A 243 -1.26 -32.50 -6.46
N GLY B 22 13.49 24.89 -18.75
CA GLY B 22 12.90 25.59 -17.59
C GLY B 22 13.48 25.07 -16.28
N SER B 23 12.59 24.99 -15.27
CA SER B 23 13.04 24.70 -13.93
C SER B 23 13.61 23.29 -13.84
N PHE B 24 13.01 22.35 -14.58
CA PHE B 24 13.41 20.96 -14.51
C PHE B 24 14.91 20.80 -14.84
N GLN B 25 15.28 21.33 -16.03
CA GLN B 25 16.65 21.15 -16.49
C GLN B 25 17.63 21.89 -15.58
N TYR B 26 17.21 23.08 -15.12
CA TYR B 26 18.01 23.87 -14.18
C TYR B 26 18.28 23.06 -12.90
N MET B 27 17.23 22.44 -12.34
CA MET B 27 17.37 21.68 -11.11
C MET B 27 18.20 20.41 -11.36
N LYS B 28 18.00 19.76 -12.51
CA LYS B 28 18.73 18.54 -12.83
C LYS B 28 20.23 18.84 -12.84
N ASP B 29 20.57 19.97 -13.46
CA ASP B 29 21.96 20.42 -13.57
C ASP B 29 22.57 20.72 -12.20
N LEU B 30 21.77 21.29 -11.28
CA LEU B 30 22.27 21.65 -9.95
C LEU B 30 22.33 20.44 -9.01
N ASN B 31 21.80 19.27 -9.42
CA ASN B 31 21.71 18.16 -8.48
C ASN B 31 22.32 16.87 -9.04
N LYS B 32 23.55 16.97 -9.58
CA LYS B 32 24.17 15.79 -10.17
C LYS B 32 24.66 14.81 -9.11
N HIS B 33 24.57 15.16 -7.81
CA HIS B 33 24.97 14.23 -6.76
C HIS B 33 23.87 13.19 -6.47
N ILE B 34 22.66 13.39 -7.04
CA ILE B 34 21.59 12.42 -6.79
C ILE B 34 20.95 12.00 -8.10
N PRO B 35 20.39 10.77 -8.22
CA PRO B 35 19.59 10.46 -9.38
C PRO B 35 18.36 11.37 -9.39
N PHE B 36 18.11 12.03 -10.52
CA PHE B 36 17.21 13.17 -10.53
C PHE B 36 16.40 13.08 -11.81
N TYR B 37 15.09 12.84 -11.68
CA TYR B 37 14.27 12.54 -12.83
C TYR B 37 13.00 13.39 -12.81
N HIS B 38 12.35 13.53 -13.97
CA HIS B 38 11.06 14.18 -14.01
C HIS B 38 10.01 13.19 -13.49
N ILE B 39 8.93 13.72 -12.85
CA ILE B 39 7.89 12.80 -12.38
C ILE B 39 7.23 12.00 -13.52
N GLU B 40 7.28 12.51 -14.76
CA GLU B 40 6.70 11.81 -15.91
C GLU B 40 7.65 10.73 -16.45
N ASP B 41 8.83 10.57 -15.87
CA ASP B 41 9.76 9.55 -16.33
C ASP B 41 9.23 8.18 -15.94
N SER B 42 9.50 7.17 -16.78
CA SER B 42 9.07 5.81 -16.46
C SER B 42 9.68 5.28 -15.16
N LYS B 43 10.81 5.87 -14.69
CA LYS B 43 11.39 5.47 -13.44
C LYS B 43 10.42 5.68 -12.27
N PHE B 44 9.47 6.62 -12.43
CA PHE B 44 8.54 6.89 -11.32
C PHE B 44 7.54 5.74 -11.16
N LYS B 45 7.39 4.91 -12.18
CA LYS B 45 6.34 3.89 -12.16
C LYS B 45 6.50 2.89 -11.01
N HIS B 46 7.74 2.64 -10.51
CA HIS B 46 7.88 1.73 -9.39
C HIS B 46 7.34 2.35 -8.10
N TYR B 47 7.29 3.69 -8.07
CA TYR B 47 7.01 4.43 -6.82
C TYR B 47 5.56 4.90 -6.77
N GLY B 48 4.91 5.07 -7.92
CA GLY B 48 3.57 5.66 -7.88
C GLY B 48 3.04 5.84 -9.30
N LYS B 49 1.99 6.64 -9.40
CA LYS B 49 1.36 6.85 -10.69
C LYS B 49 1.00 8.34 -10.80
N VAL B 50 1.20 8.94 -11.97
CA VAL B 50 0.64 10.26 -12.22
C VAL B 50 -0.86 10.15 -12.43
N ILE B 51 -1.62 11.03 -11.74
CA ILE B 51 -3.07 11.05 -11.86
C ILE B 51 -3.49 12.18 -12.81
N ASN B 52 -4.14 11.83 -13.95
CA ASN B 52 -4.37 12.87 -14.95
C ASN B 52 -5.83 13.30 -15.12
N GLU B 53 -6.78 12.50 -14.69
CA GLU B 53 -8.15 12.68 -15.12
C GLU B 53 -8.99 13.61 -14.26
N TYR B 54 -8.45 14.06 -13.13
CA TYR B 54 -9.25 14.88 -12.23
C TYR B 54 -8.75 16.31 -12.27
N ASP B 55 -9.67 17.24 -11.98
CA ASP B 55 -9.36 18.63 -11.81
C ASP B 55 -9.63 18.99 -10.36
N PHE B 56 -8.95 20.02 -9.89
CA PHE B 56 -8.88 20.25 -8.45
C PHE B 56 -9.20 21.71 -8.12
N ASN B 57 -10.02 22.35 -8.94
CA ASN B 57 -10.22 23.81 -8.78
C ASN B 57 -10.73 24.16 -7.37
N GLU B 58 -11.58 23.34 -6.76
CA GLU B 58 -12.10 23.69 -5.43
C GLU B 58 -10.96 23.70 -4.43
N LEU B 59 -10.00 22.77 -4.59
CA LEU B 59 -8.87 22.71 -3.64
C LEU B 59 -7.89 23.83 -3.93
N GLU B 60 -7.61 24.09 -5.22
CA GLU B 60 -6.74 25.19 -5.60
C GLU B 60 -7.21 26.52 -5.02
N THR B 61 -8.54 26.72 -5.01
CA THR B 61 -9.10 27.94 -4.44
C THR B 61 -8.69 28.09 -2.96
N TYR B 62 -8.86 27.03 -2.16
CA TYR B 62 -8.44 27.10 -0.76
C TYR B 62 -6.93 27.33 -0.66
N MET B 63 -6.14 26.58 -1.44
CA MET B 63 -4.69 26.66 -1.29
C MET B 63 -4.15 28.05 -1.65
N ASP B 64 -4.85 28.74 -2.57
CA ASP B 64 -4.43 30.10 -2.90
C ASP B 64 -4.47 31.04 -1.69
N SER B 65 -5.30 30.73 -0.68
CA SER B 65 -5.47 31.58 0.51
C SER B 65 -4.38 31.31 1.56
N LEU B 66 -3.45 30.38 1.31
CA LEU B 66 -2.43 30.09 2.30
C LEU B 66 -1.11 30.78 1.98
N THR B 67 -0.30 31.08 3.01
CA THR B 67 1.06 31.58 2.81
C THR B 67 2.04 30.47 3.12
N ILE B 68 3.20 30.49 2.45
CA ILE B 68 4.21 29.49 2.73
C ILE B 68 5.11 29.93 3.89
N PRO B 69 5.26 29.14 4.99
CA PRO B 69 6.13 29.48 6.09
C PRO B 69 7.61 29.41 5.72
N GLN B 70 8.42 30.32 6.28
CA GLN B 70 9.83 30.42 5.93
C GLN B 70 10.74 29.84 7.01
N ASP B 71 10.21 29.62 8.24
CA ASP B 71 10.98 29.18 9.39
C ASP B 71 11.06 27.66 9.50
N GLN B 72 10.01 26.96 9.02
CA GLN B 72 9.96 25.51 9.05
C GLN B 72 8.73 25.10 8.22
N ASN B 73 8.64 23.79 7.91
CA ASN B 73 7.48 23.28 7.19
C ASN B 73 6.25 23.28 8.11
N VAL B 74 5.08 23.31 7.48
CA VAL B 74 3.85 23.12 8.22
C VAL B 74 3.11 21.94 7.56
N TYR B 75 2.47 21.12 8.40
CA TYR B 75 1.54 20.14 7.86
C TYR B 75 0.24 20.22 8.64
N VAL B 76 -0.89 20.30 7.90
CA VAL B 76 -2.23 20.18 8.47
C VAL B 76 -2.86 18.96 7.82
N ALA B 77 -3.33 18.02 8.63
CA ALA B 77 -3.74 16.74 8.06
C ALA B 77 -5.14 16.78 7.45
N SER B 78 -6.05 17.59 7.99
CA SER B 78 -7.45 17.50 7.63
C SER B 78 -8.06 18.89 7.65
N VAL B 79 -8.47 19.35 6.49
CA VAL B 79 -8.99 20.70 6.33
C VAL B 79 -10.45 20.61 5.90
N THR B 80 -11.38 21.12 6.72
CA THR B 80 -12.81 21.11 6.40
C THR B 80 -13.04 21.70 5.02
N GLU B 81 -12.48 22.87 4.70
CA GLU B 81 -12.75 23.57 3.45
C GLU B 81 -12.45 22.67 2.28
N MET B 82 -11.33 21.89 2.35
CA MET B 82 -10.94 21.06 1.24
C MET B 82 -11.68 19.74 1.22
N GLU B 83 -12.10 19.24 2.40
CA GLU B 83 -12.86 17.99 2.42
C GLU B 83 -14.32 18.20 2.03
N ASN B 84 -14.82 19.45 2.22
CA ASN B 84 -16.22 19.76 1.91
C ASN B 84 -16.28 20.24 0.45
N THR B 85 -15.97 19.32 -0.46
CA THR B 85 -15.86 19.67 -1.88
C THR B 85 -16.41 18.53 -2.72
N ILE B 86 -16.86 18.85 -3.92
CA ILE B 86 -17.27 17.82 -4.87
C ILE B 86 -16.07 16.89 -5.17
N ILE B 87 -14.89 17.46 -5.37
CA ILE B 87 -13.72 16.64 -5.72
C ILE B 87 -13.39 15.67 -4.57
N LYS B 88 -13.51 16.09 -3.30
CA LYS B 88 -13.18 15.09 -2.27
C LYS B 88 -14.14 13.92 -2.35
N ASN B 89 -15.42 14.13 -2.63
CA ASN B 89 -16.37 13.05 -2.74
C ASN B 89 -16.00 12.14 -3.93
N GLN B 90 -15.62 12.75 -5.04
CA GLN B 90 -15.24 11.98 -6.22
C GLN B 90 -14.04 11.07 -5.88
N LEU B 91 -13.02 11.65 -5.24
CA LEU B 91 -11.81 10.89 -4.93
C LEU B 91 -12.12 9.82 -3.87
N GLN B 92 -12.97 10.11 -2.88
CA GLN B 92 -13.29 9.10 -1.86
C GLN B 92 -14.01 7.92 -2.48
N GLU B 93 -15.03 8.18 -3.28
CA GLU B 93 -15.83 7.08 -3.80
C GLU B 93 -15.11 6.28 -4.87
N ALA B 94 -14.26 6.93 -5.68
CA ALA B 94 -13.62 6.21 -6.78
C ALA B 94 -12.16 5.89 -6.44
N PHE B 95 -11.30 6.89 -6.35
CA PHE B 95 -9.88 6.62 -6.19
C PHE B 95 -9.59 5.80 -4.94
N TYR B 96 -10.32 6.07 -3.85
CA TYR B 96 -10.11 5.32 -2.62
C TYR B 96 -11.17 4.26 -2.39
N GLY B 97 -12.01 4.00 -3.39
CA GLY B 97 -12.92 2.85 -3.33
C GLY B 97 -13.83 2.88 -2.11
N GLU B 98 -14.29 4.08 -1.72
CA GLU B 98 -15.26 4.37 -0.67
C GLU B 98 -14.67 4.38 0.74
N MET B 99 -13.34 4.28 0.87
CA MET B 99 -12.74 4.43 2.18
C MET B 99 -12.63 5.91 2.52
N SER B 100 -12.87 6.26 3.78
CA SER B 100 -12.92 7.63 4.23
CA SER B 100 -12.92 7.65 4.23
C SER B 100 -11.54 8.30 4.13
N ILE B 101 -11.53 9.51 3.58
CA ILE B 101 -10.27 10.24 3.40
C ILE B 101 -10.29 11.59 4.11
N GLN B 102 -9.06 12.09 4.29
CA GLN B 102 -8.83 13.46 4.69
C GLN B 102 -8.01 14.18 3.62
N ILE B 103 -8.17 15.51 3.55
CA ILE B 103 -7.37 16.31 2.63
C ILE B 103 -6.74 17.44 3.45
N GLY B 104 -5.40 17.49 3.39
CA GLY B 104 -4.65 18.54 4.07
C GLY B 104 -3.57 19.09 3.16
N TYR B 105 -2.60 19.74 3.80
CA TYR B 105 -1.53 20.39 3.08
C TYR B 105 -0.20 20.33 3.80
N CYS B 106 0.85 20.40 2.99
CA CYS B 106 2.20 20.53 3.50
C CYS B 106 2.91 21.60 2.68
N ASN B 107 3.25 22.70 3.42
CA ASN B 107 3.86 23.85 2.73
C ASN B 107 5.12 24.18 3.50
N GLY B 108 6.11 24.72 2.79
CA GLY B 108 7.29 25.10 3.55
C GLY B 108 8.50 25.48 2.70
N PRO B 109 9.63 25.69 3.42
CA PRO B 109 10.89 26.13 2.82
C PRO B 109 11.94 25.04 2.69
N ASN B 110 11.58 23.78 2.99
CA ASN B 110 12.56 22.73 3.15
C ASN B 110 13.31 22.43 1.86
N SER B 111 14.61 22.09 2.05
CA SER B 111 15.41 21.57 0.94
C SER B 111 16.13 20.26 1.26
N THR B 112 15.89 19.63 2.42
CA THR B 112 16.70 18.45 2.79
C THR B 112 15.83 17.20 3.01
N LEU B 113 16.48 16.03 2.96
CA LEU B 113 15.78 14.74 3.05
C LEU B 113 15.05 14.65 4.41
N ASN B 114 15.81 14.70 5.51
CA ASN B 114 15.35 14.79 6.90
C ASN B 114 14.84 13.46 7.45
N GLY B 115 13.93 12.82 6.70
CA GLY B 115 13.32 11.60 7.18
C GLY B 115 12.59 10.96 6.02
N LEU B 116 12.18 9.69 6.25
CA LEU B 116 11.42 8.99 5.22
C LEU B 116 10.34 8.20 5.95
N GLU B 117 9.11 8.29 5.42
CA GLU B 117 7.99 7.63 6.09
C GLU B 117 7.21 6.78 5.10
N TYR B 118 6.42 5.87 5.66
CA TYR B 118 5.40 5.23 4.83
C TYR B 118 4.11 5.07 5.60
N HIS B 119 3.03 4.82 4.83
CA HIS B 119 1.71 4.51 5.35
C HIS B 119 1.31 3.18 4.73
N LYS B 120 0.40 2.44 5.38
CA LYS B 120 -0.11 1.22 4.74
C LYS B 120 -1.36 1.57 3.94
N SER B 121 -1.20 2.59 3.09
CA SER B 121 -2.29 3.16 2.29
C SER B 121 -1.65 3.94 1.15
N SER B 122 -2.45 4.29 0.12
CA SER B 122 -2.00 5.26 -0.89
C SER B 122 -2.15 6.69 -0.39
N GLU B 123 -1.20 7.55 -0.83
CA GLU B 123 -1.20 8.97 -0.54
C GLU B 123 -1.35 9.66 -1.88
N ILE B 124 -2.14 10.74 -1.96
CA ILE B 124 -2.06 11.60 -3.13
C ILE B 124 -1.35 12.88 -2.74
N ASN B 125 -0.37 13.28 -3.57
CA ASN B 125 0.22 14.61 -3.41
C ASN B 125 -0.08 15.40 -4.66
N ILE B 126 -0.62 16.60 -4.49
CA ILE B 126 -0.89 17.52 -5.61
C ILE B 126 0.05 18.70 -5.44
N ALA B 127 0.89 18.90 -6.45
CA ALA B 127 1.84 20.02 -6.39
C ALA B 127 1.10 21.32 -6.75
N ILE B 128 0.96 22.23 -5.77
CA ILE B 128 0.37 23.54 -6.03
C ILE B 128 1.43 24.48 -6.56
N THR B 129 2.70 24.23 -6.24
CA THR B 129 3.88 24.81 -6.86
C THR B 129 4.75 23.69 -7.41
N ASP B 130 5.73 24.03 -8.24
CA ASP B 130 6.79 23.08 -8.52
C ASP B 130 7.40 22.62 -7.22
N MET B 131 7.85 21.35 -7.17
CA MET B 131 8.51 20.83 -5.98
CA MET B 131 8.46 20.80 -5.98
C MET B 131 9.27 19.56 -6.37
N VAL B 132 10.13 19.11 -5.46
CA VAL B 132 10.86 17.85 -5.64
C VAL B 132 10.47 16.90 -4.51
N LEU B 133 10.27 15.60 -4.86
CA LEU B 133 10.08 14.57 -3.84
C LEU B 133 11.30 13.63 -3.82
N LEU B 134 11.83 13.40 -2.64
CA LEU B 134 12.91 12.45 -2.43
C LEU B 134 12.24 11.15 -1.98
N LEU B 135 12.38 10.09 -2.80
CA LEU B 135 11.64 8.87 -2.53
C LEU B 135 12.55 7.67 -2.34
N GLY B 136 12.02 6.67 -1.66
CA GLY B 136 12.66 5.36 -1.53
C GLY B 136 11.60 4.26 -1.55
N LYS B 137 12.03 3.01 -1.44
CA LYS B 137 11.11 1.87 -1.35
C LYS B 137 11.19 1.22 0.02
N VAL B 138 10.04 0.83 0.59
CA VAL B 138 10.02 0.15 1.88
CA VAL B 138 10.01 0.14 1.86
C VAL B 138 10.85 -1.14 1.80
N GLN B 139 10.88 -1.77 0.63
CA GLN B 139 11.63 -3.01 0.50
C GLN B 139 13.14 -2.78 0.64
N GLU B 140 13.60 -1.52 0.56
CA GLU B 140 15.05 -1.23 0.70
C GLU B 140 15.41 -0.97 2.16
N VAL B 141 14.48 -1.11 3.10
CA VAL B 141 14.76 -1.01 4.52
C VAL B 141 15.29 -2.38 4.98
N GLU B 142 16.45 -2.40 5.66
CA GLU B 142 17.00 -3.63 6.25
C GLU B 142 17.38 -3.36 7.70
N ASN B 143 16.81 -4.14 8.60
CA ASN B 143 16.99 -3.98 10.04
C ASN B 143 16.85 -2.50 10.41
N ASN B 144 15.77 -1.87 9.89
CA ASN B 144 15.39 -0.52 10.32
C ASN B 144 16.40 0.52 9.86
N VAL B 145 17.17 0.20 8.80
CA VAL B 145 18.10 1.13 8.17
C VAL B 145 17.72 1.29 6.70
N PHE B 146 17.75 2.54 6.25
CA PHE B 146 17.61 2.87 4.85
C PHE B 146 18.84 3.71 4.44
N HIS B 147 19.39 3.40 3.27
CA HIS B 147 20.61 4.09 2.85
C HIS B 147 20.26 5.30 2.01
N SER B 148 20.83 6.49 2.32
CA SER B 148 20.61 7.68 1.48
C SER B 148 20.90 7.41 0.00
N ASN B 149 21.89 6.55 -0.28
CA ASN B 149 22.28 6.29 -1.65
C ASN B 149 21.24 5.52 -2.46
N ASP B 150 20.12 5.15 -1.82
CA ASP B 150 19.01 4.53 -2.54
C ASP B 150 17.91 5.55 -2.88
N VAL B 151 18.05 6.79 -2.40
CA VAL B 151 17.03 7.79 -2.68
C VAL B 151 17.05 8.20 -4.15
N ILE B 152 15.88 8.42 -4.72
CA ILE B 152 15.72 8.96 -6.05
C ILE B 152 14.90 10.24 -5.94
N ALA B 153 15.30 11.29 -6.63
CA ALA B 153 14.56 12.53 -6.64
C ALA B 153 13.71 12.65 -7.89
N PHE B 154 12.49 13.15 -7.70
CA PHE B 154 11.57 13.36 -8.80
C PHE B 154 11.04 14.80 -8.77
N PHE B 155 11.21 15.50 -9.89
CA PHE B 155 10.72 16.86 -10.04
C PHE B 155 9.26 16.82 -10.47
N VAL B 156 8.40 17.46 -9.65
CA VAL B 156 6.96 17.48 -9.87
C VAL B 156 6.52 18.90 -10.24
N PRO B 157 6.11 19.14 -11.49
CA PRO B 157 5.66 20.48 -11.88
C PRO B 157 4.37 20.88 -11.18
N LYS B 158 4.22 22.19 -10.96
CA LYS B 158 2.97 22.77 -10.55
C LYS B 158 1.80 22.21 -11.35
N GLY B 159 0.77 21.76 -10.62
CA GLY B 159 -0.44 21.23 -11.23
C GLY B 159 -0.48 19.69 -11.33
N THR B 160 0.65 19.01 -11.17
CA THR B 160 0.64 17.55 -11.29
C THR B 160 0.20 16.92 -9.96
N ALA B 161 -0.65 15.90 -10.09
CA ALA B 161 -1.09 15.04 -8.97
C ALA B 161 -0.46 13.68 -9.12
N VAL B 162 0.01 13.12 -8.01
CA VAL B 162 0.54 11.75 -8.03
C VAL B 162 -0.05 10.91 -6.90
N GLU B 163 -0.17 9.60 -7.20
CA GLU B 163 -0.37 8.59 -6.13
C GLU B 163 0.98 8.06 -5.72
N LEU B 164 1.26 8.10 -4.42
CA LEU B 164 2.46 7.46 -3.89
C LEU B 164 1.97 6.18 -3.26
N TYR B 165 2.50 5.06 -3.75
CA TYR B 165 2.07 3.76 -3.25
C TYR B 165 2.49 3.58 -1.78
N SER B 166 1.82 2.66 -1.05
CA SER B 166 2.15 2.38 0.33
C SER B 166 3.60 1.93 0.53
N THR B 167 4.22 1.35 -0.51
CA THR B 167 5.57 0.85 -0.44
C THR B 167 6.57 1.95 -0.78
N THR B 168 6.09 3.18 -0.95
CA THR B 168 6.99 4.29 -1.31
C THR B 168 7.31 5.11 -0.06
N LEU B 169 8.60 5.13 0.32
CA LEU B 169 9.06 6.00 1.39
C LEU B 169 9.12 7.42 0.84
N HIS B 170 8.65 8.38 1.66
CA HIS B 170 8.51 9.76 1.19
C HIS B 170 8.50 10.65 2.42
N PHE B 171 8.56 11.98 2.18
CA PHE B 171 8.48 12.87 3.34
C PHE B 171 8.05 14.24 2.85
N ALA B 172 8.38 15.32 3.58
CA ALA B 172 8.01 16.62 3.06
C ALA B 172 8.77 16.91 1.76
N PRO B 173 8.16 17.64 0.80
CA PRO B 173 8.86 18.02 -0.41
C PRO B 173 10.08 18.91 -0.13
N CYS B 174 10.86 19.03 -1.19
CA CYS B 174 11.97 19.98 -1.25
C CYS B 174 11.61 21.07 -2.24
N LYS B 175 11.97 22.33 -1.91
CA LYS B 175 11.51 23.44 -2.73
C LYS B 175 12.30 23.58 -4.05
N VAL B 176 11.58 24.15 -5.01
CA VAL B 176 12.11 24.47 -6.35
C VAL B 176 12.27 26.00 -6.39
N ASN B 177 11.19 26.73 -6.10
CA ASN B 177 11.27 28.19 -6.08
C ASN B 177 11.86 28.68 -4.76
N ASN B 178 12.50 29.88 -4.76
CA ASN B 178 13.04 30.41 -3.51
C ASN B 178 12.00 30.53 -2.39
N GLU B 179 10.74 30.84 -2.78
CA GLU B 179 9.66 31.13 -1.85
C GLU B 179 9.16 29.85 -1.15
N GLY B 180 9.63 28.66 -1.61
CA GLY B 180 9.21 27.41 -0.97
C GLY B 180 8.15 26.68 -1.82
N PHE B 181 7.42 25.75 -1.18
CA PHE B 181 6.43 24.96 -1.92
C PHE B 181 5.08 24.94 -1.20
N LYS B 182 4.05 24.59 -1.98
CA LYS B 182 2.75 24.18 -1.43
C LYS B 182 2.33 22.83 -2.05
N THR B 183 1.81 21.93 -1.18
CA THR B 183 1.29 20.65 -1.67
CA THR B 183 1.30 20.66 -1.66
C THR B 183 0.01 20.30 -0.93
N ILE B 184 -0.90 19.65 -1.67
CA ILE B 184 -2.07 19.03 -1.05
C ILE B 184 -1.72 17.57 -0.76
N VAL B 185 -2.13 17.08 0.43
CA VAL B 185 -1.81 15.71 0.86
C VAL B 185 -3.13 15.02 1.23
N ILE B 186 -3.42 13.93 0.49
CA ILE B 186 -4.70 13.21 0.70
C ILE B 186 -4.38 11.79 1.17
N LEU B 187 -5.06 11.39 2.25
CA LEU B 187 -4.74 10.13 2.94
C LEU B 187 -6.01 9.54 3.51
N PRO B 188 -6.06 8.27 3.93
CA PRO B 188 -7.15 7.78 4.72
C PRO B 188 -7.33 8.59 5.99
N LYS B 189 -8.60 8.81 6.36
CA LYS B 189 -8.88 9.67 7.49
C LYS B 189 -8.25 9.13 8.78
N GLY B 190 -7.57 10.04 9.49
CA GLY B 190 -6.88 9.69 10.73
C GLY B 190 -5.39 9.51 10.56
N THR B 191 -4.89 9.31 9.32
CA THR B 191 -3.47 9.13 9.15
C THR B 191 -2.73 10.36 9.67
N ASN B 192 -1.64 10.10 10.38
CA ASN B 192 -0.76 11.11 10.97
C ASN B 192 -1.34 11.74 12.23
N ASP B 193 -2.48 11.28 12.74
CA ASP B 193 -2.96 11.74 14.05
C ASP B 193 -2.05 11.16 15.12
N PRO B 194 -2.01 11.74 16.33
CA PRO B 194 -1.26 11.14 17.40
C PRO B 194 -1.69 9.71 17.73
N LEU B 195 -0.69 8.90 18.09
CA LEU B 195 -1.00 7.56 18.61
C LEU B 195 -1.74 7.68 19.93
N SER B 196 -2.79 6.87 20.11
CA SER B 196 -3.58 6.95 21.34
C SER B 196 -3.18 5.90 22.38
N THR B 197 -2.32 4.94 22.00
CA THR B 197 -1.87 3.79 22.80
CA THR B 197 -1.83 3.95 22.95
C THR B 197 -0.35 3.71 22.70
N ASN B 198 0.34 3.15 23.72
CA ASN B 198 1.75 2.83 23.59
C ASN B 198 1.90 1.31 23.50
N ILE B 199 2.05 0.79 22.27
CA ILE B 199 2.07 -0.65 22.08
C ILE B 199 3.28 -1.28 22.79
N GLN B 200 3.11 -2.58 23.11
CA GLN B 200 4.26 -3.41 23.43
C GLN B 200 4.91 -3.77 22.08
N LYS B 201 6.11 -3.22 21.82
CA LYS B 201 6.76 -3.44 20.55
C LYS B 201 7.21 -4.89 20.41
N ARG B 202 6.91 -5.52 19.27
CA ARG B 202 7.30 -6.91 19.03
C ARG B 202 8.06 -7.10 17.72
N THR B 203 7.77 -6.30 16.67
CA THR B 203 8.38 -6.52 15.39
C THR B 203 9.39 -5.41 15.09
N LYS B 204 10.23 -5.60 14.07
CA LYS B 204 11.15 -4.55 13.67
C LYS B 204 10.35 -3.28 13.31
N GLU B 205 9.25 -3.46 12.54
CA GLU B 205 8.52 -2.29 12.08
C GLU B 205 7.87 -1.51 13.24
N ASP B 206 7.54 -2.20 14.36
CA ASP B 206 7.01 -1.51 15.51
C ASP B 206 7.95 -0.41 16.01
N GLU B 207 9.26 -0.58 15.82
CA GLU B 207 10.18 0.47 16.27
C GLU B 207 9.99 1.77 15.48
N LEU B 208 9.39 1.68 14.27
CA LEU B 208 9.25 2.83 13.38
C LEU B 208 7.88 3.49 13.51
N LEU B 209 6.90 2.84 14.17
CA LEU B 209 5.57 3.44 14.23
C LEU B 209 5.64 4.75 14.99
N PHE B 210 5.07 5.80 14.42
CA PHE B 210 5.31 7.14 14.99
C PHE B 210 4.04 7.95 15.13
N MET B 211 3.13 7.87 14.15
CA MET B 211 1.80 8.47 14.24
CA MET B 211 1.79 8.43 14.29
C MET B 211 0.80 7.44 13.69
N LYS B 212 -0.49 7.76 13.75
CA LYS B 212 -1.47 6.79 13.24
C LYS B 212 -1.17 6.49 11.78
N ASN B 213 -1.11 5.18 11.41
CA ASN B 213 -0.84 4.79 10.02
C ASN B 213 0.41 5.50 9.48
N LYS B 214 1.46 5.71 10.32
CA LYS B 214 2.67 6.33 9.80
C LYS B 214 3.90 5.77 10.50
N TRP B 215 4.78 5.17 9.68
CA TRP B 215 6.05 4.61 10.14
C TRP B 215 7.15 5.53 9.64
N LEU B 216 8.11 5.85 10.51
CA LEU B 216 9.11 6.88 10.18
C LEU B 216 10.54 6.42 10.46
N ILE B 217 11.42 6.74 9.51
CA ILE B 217 12.87 6.56 9.67
C ILE B 217 13.46 7.96 9.55
N ALA B 218 14.09 8.43 10.65
CA ALA B 218 14.63 9.79 10.64
C ALA B 218 16.13 9.79 10.33
N HIS B 219 16.60 10.92 9.77
CA HIS B 219 18.03 11.11 9.64
C HIS B 219 18.57 11.50 11.02
N PRO B 220 19.69 10.90 11.49
CA PRO B 220 20.22 11.22 12.82
C PRO B 220 20.62 12.69 13.03
N GLU B 221 20.89 13.42 11.95
CA GLU B 221 21.27 14.83 12.04
C GLU B 221 20.05 15.75 12.12
N ARG B 222 18.83 15.20 12.02
CA ARG B 222 17.61 16.01 12.05
C ARG B 222 17.02 16.04 13.45
N GLU B 223 17.47 17.06 14.22
CA GLU B 223 17.15 17.14 15.64
C GLU B 223 15.66 17.28 15.88
N GLN B 224 14.96 17.98 14.98
CA GLN B 224 13.52 18.17 15.16
C GLN B 224 12.80 16.83 15.21
N LEU B 225 13.32 15.79 14.51
CA LEU B 225 12.65 14.51 14.54
C LEU B 225 13.16 13.66 15.69
N ILE B 226 14.49 13.64 15.85
CA ILE B 226 15.09 12.89 16.95
C ILE B 226 14.50 13.32 18.30
N ASN B 227 14.24 14.63 18.47
CA ASN B 227 13.76 15.16 19.74
CA ASN B 227 13.81 15.09 19.78
C ASN B 227 12.34 14.69 20.03
N LYS B 228 11.59 14.29 18.99
CA LYS B 228 10.22 13.83 19.17
C LYS B 228 10.18 12.32 19.41
N GLY B 229 11.34 11.67 19.40
CA GLY B 229 11.43 10.23 19.64
C GLY B 229 11.45 9.40 18.34
N ALA B 230 11.70 10.04 17.19
CA ALA B 230 11.73 9.30 15.94
C ALA B 230 12.95 8.38 15.86
N HIS B 231 12.78 7.25 15.15
CA HIS B 231 13.82 6.24 15.11
C HIS B 231 14.92 6.70 14.16
N PRO B 232 16.19 6.83 14.61
CA PRO B 232 17.24 7.20 13.70
C PRO B 232 17.63 6.03 12.84
N GLY B 233 17.45 6.15 11.52
CA GLY B 233 17.74 5.01 10.68
C GLY B 233 18.17 5.32 9.25
N ILE B 234 18.35 6.62 8.87
CA ILE B 234 18.84 6.88 7.54
C ILE B 234 20.36 6.91 7.65
N LYS B 235 20.99 5.99 6.90
CA LYS B 235 22.45 5.87 6.89
C LYS B 235 22.96 6.58 5.66
N GLY B 236 23.79 7.61 5.86
CA GLY B 236 24.32 8.34 4.71
C GLY B 236 24.07 9.84 4.85
N GLU B 237 24.28 10.59 3.77
CA GLU B 237 24.14 12.05 3.80
C GLU B 237 22.68 12.44 4.06
N ASN B 238 22.42 13.53 4.79
CA ASN B 238 21.09 14.14 4.80
C ASN B 238 20.97 14.95 3.51
N ILE B 239 20.57 14.27 2.43
CA ILE B 239 20.60 14.80 1.08
C ILE B 239 20.00 16.20 0.98
N LYS B 240 20.72 17.14 0.32
CA LYS B 240 20.16 18.45 0.04
C LYS B 240 19.82 18.59 -1.43
N VAL B 241 18.67 19.23 -1.74
CA VAL B 241 18.28 19.52 -3.10
C VAL B 241 18.60 20.99 -3.33
N TYR B 242 19.58 21.27 -4.22
CA TYR B 242 19.98 22.66 -4.50
C TYR B 242 19.03 23.30 -5.50
N GLN B 243 18.80 24.65 -5.40
CA GLN B 243 17.88 25.34 -6.29
C GLN B 243 18.29 26.82 -6.52
FE FE C . -7.51 -9.32 -0.91
NA NA D . -17.49 -3.32 -12.82
NA NA E . -6.27 6.71 -15.98
CL CL F . 6.06 -1.97 -4.73
FE FE G . 2.96 10.72 4.01
#